data_7NKT
#
_entry.id   7NKT
#
_cell.length_a   128.093
_cell.length_b   128.093
_cell.length_c   77.676
_cell.angle_alpha   90.000
_cell.angle_beta   90.000
_cell.angle_gamma   90.000
#
_symmetry.space_group_name_H-M   'I 41'
#
loop_
_entity.id
_entity.type
_entity.pdbx_description
1 polymer 'Spike protein S1'
2 polymer 'neutralizing nanobody NM1226'
3 non-polymer 2-acetamido-2-deoxy-beta-D-glucopyranose
4 non-polymer 'PHOSPHATE ION'
5 non-polymer DI(HYDROXYETHYL)ETHER
6 water water
#
loop_
_entity_poly.entity_id
_entity_poly.type
_entity_poly.pdbx_seq_one_letter_code
_entity_poly.pdbx_strand_id
1 'polypeptide(L)'
;RVQPTESIVRFPNITNLCPFGEVFNATRFASVYAWNRKRISNCVADYSVLYNSASFSTFKCYGVSPTKLNDLCFTNVYAD
SFVIRGDEVRQIAPGQTGKIADYNYKLPDDFTGCVIAWNSNNLDSKVGGNYNYLYRLFRKSNLKPFERDISTEIYQAGST
PCNGVEGFNCYFPLQSYGFQPTNGVGYQPYRVVVLSFELLHAPATVCGPKKSTNLVKNKCVNFHHHHHH
;
AAA
2 'polypeptide(L)'
;QVQLVESGGGSVQPGGSLRLSCLGSGSLDYYAIGWFRQAPGKEREGVSCIASSGDRTIYADSVKGRFTISRDYGKNTVYL
QMNSLKPEDTAMYYCAALQGSYYYTGFVANEYDYWGQGAPVTVSSEQKLISEEDLKKKHHHHHH
;
BBB
#
# COMPACT_ATOMS: atom_id res chain seq x y z
N ILE A 14 24.36 23.96 -2.07
CA ILE A 14 23.76 22.96 -1.13
C ILE A 14 24.25 21.55 -1.53
N THR A 15 25.09 20.93 -0.69
CA THR A 15 25.62 19.54 -0.86
C THR A 15 25.20 18.66 0.34
N ASN A 16 24.17 19.10 1.08
CA ASN A 16 23.53 18.35 2.20
C ASN A 16 22.57 17.30 1.61
N LEU A 17 22.95 16.00 1.69
CA LEU A 17 22.13 14.86 1.18
C LEU A 17 20.96 14.57 2.14
N CYS A 18 19.71 14.79 1.69
CA CYS A 18 18.46 14.78 2.52
C CYS A 18 18.45 13.56 3.44
N PRO A 19 18.16 13.81 4.73
CA PRO A 19 18.20 12.78 5.78
C PRO A 19 16.91 11.96 5.75
N PHE A 20 16.69 11.24 4.65
CA PHE A 20 15.55 10.33 4.44
C PHE A 20 15.78 9.07 5.26
N GLY A 21 17.03 8.72 5.54
CA GLY A 21 17.41 7.62 6.45
C GLY A 21 16.72 7.78 7.79
N GLU A 22 16.74 8.99 8.33
CA GLU A 22 16.18 9.34 9.66
C GLU A 22 14.67 9.10 9.65
N VAL A 23 14.01 9.38 8.54
CA VAL A 23 12.54 9.23 8.45
C VAL A 23 12.23 7.74 8.27
N PHE A 24 12.82 7.10 7.26
CA PHE A 24 12.47 5.72 6.83
C PHE A 24 12.99 4.64 7.79
N ASN A 25 14.12 4.85 8.43
CA ASN A 25 14.85 3.83 9.25
C ASN A 25 14.86 4.26 10.73
N ALA A 26 13.97 5.17 11.13
CA ALA A 26 13.74 5.48 12.56
C ALA A 26 13.39 4.18 13.28
N THR A 27 14.02 3.90 14.40
CA THR A 27 13.77 2.69 15.22
C THR A 27 12.33 2.76 15.73
N ARG A 28 11.90 3.94 16.18
CA ARG A 28 10.52 4.26 16.69
C ARG A 28 9.72 5.02 15.64
N PHE A 29 8.49 4.58 15.38
CA PHE A 29 7.46 5.32 14.61
C PHE A 29 6.35 5.77 15.55
N ALA A 30 5.73 6.88 15.18
CA ALA A 30 4.61 7.52 15.89
C ALA A 30 3.32 6.69 15.74
N SER A 31 2.42 6.81 16.70
CA SER A 31 1.00 6.43 16.55
C SER A 31 0.39 7.39 15.51
N VAL A 32 -0.55 6.88 14.74
CA VAL A 32 -1.19 7.61 13.63
C VAL A 32 -1.94 8.83 14.18
N TYR A 33 -2.63 8.73 15.33
CA TYR A 33 -3.36 9.88 15.93
C TYR A 33 -2.35 10.99 16.24
N ALA A 34 -1.11 10.61 16.52
CA ALA A 34 -0.04 11.53 16.99
C ALA A 34 1.02 11.61 15.91
N TRP A 35 0.58 11.61 14.65
CA TRP A 35 1.49 11.44 13.50
C TRP A 35 2.64 12.45 13.61
N ASN A 36 3.83 12.03 13.19
CA ASN A 36 5.08 12.83 13.28
C ASN A 36 5.27 13.60 11.96
N ARG A 37 5.60 14.89 12.03
CA ARG A 37 5.98 15.69 10.84
C ARG A 37 7.43 16.14 10.98
N LYS A 38 8.24 15.83 9.96
CA LYS A 38 9.64 16.25 9.82
C LYS A 38 9.70 17.23 8.64
N ARG A 39 10.16 18.46 8.89
CA ARG A 39 10.36 19.49 7.84
C ARG A 39 11.71 19.19 7.18
N ILE A 40 11.70 18.99 5.87
CA ILE A 40 12.93 18.83 5.05
C ILE A 40 13.12 20.13 4.26
N SER A 41 14.22 20.83 4.54
CA SER A 41 14.57 22.15 3.96
C SER A 41 16.06 22.17 3.67
N ASN A 42 16.50 23.02 2.72
CA ASN A 42 17.91 23.40 2.42
C ASN A 42 18.75 22.12 2.28
N CYS A 43 18.44 21.36 1.24
CA CYS A 43 18.86 19.96 1.14
C CYS A 43 18.72 19.50 -0.34
N VAL A 44 19.49 18.41 -0.66
CA VAL A 44 19.37 17.59 -1.91
C VAL A 44 18.64 16.28 -1.58
N ALA A 45 17.61 15.92 -2.34
CA ALA A 45 16.77 14.72 -2.15
C ALA A 45 17.08 13.67 -3.22
N ASP A 46 17.62 12.52 -2.82
CA ASP A 46 17.76 11.32 -3.67
C ASP A 46 16.50 10.46 -3.50
N TYR A 47 15.46 10.70 -4.30
CA TYR A 47 14.17 9.95 -4.28
C TYR A 47 14.37 8.60 -4.98
N SER A 48 15.19 8.60 -6.03
CA SER A 48 15.55 7.42 -6.86
C SER A 48 15.91 6.20 -6.00
N VAL A 49 16.65 6.36 -4.90
CA VAL A 49 17.09 5.22 -4.04
C VAL A 49 15.87 4.65 -3.29
N LEU A 50 14.78 5.41 -3.19
CA LEU A 50 13.52 4.95 -2.54
C LEU A 50 12.67 4.22 -3.59
N TYR A 51 12.47 4.85 -4.75
CA TYR A 51 11.56 4.35 -5.80
C TYR A 51 12.19 3.15 -6.50
N ASN A 52 13.50 3.20 -6.76
CA ASN A 52 14.25 2.16 -7.50
C ASN A 52 14.73 1.10 -6.50
N SER A 53 13.77 0.43 -5.89
CA SER A 53 13.99 -0.59 -4.83
C SER A 53 12.78 -1.54 -4.84
N ALA A 54 12.90 -2.61 -4.07
CA ALA A 54 11.89 -3.65 -3.87
C ALA A 54 11.31 -3.52 -2.47
N SER A 55 11.47 -2.36 -1.83
CA SER A 55 11.19 -2.15 -0.38
C SER A 55 9.71 -1.86 -0.10
N PHE A 56 8.98 -1.24 -1.02
CA PHE A 56 7.72 -0.51 -0.70
C PHE A 56 6.55 -1.11 -1.49
N SER A 57 5.56 -1.64 -0.78
CA SER A 57 4.31 -2.23 -1.33
C SER A 57 3.33 -1.12 -1.77
N THR A 58 3.42 0.06 -1.15
CA THR A 58 2.74 1.30 -1.62
C THR A 58 3.79 2.37 -1.93
N PHE A 59 3.73 2.95 -3.13
CA PHE A 59 4.51 4.13 -3.57
C PHE A 59 3.66 4.87 -4.60
N LYS A 60 2.76 5.73 -4.12
CA LYS A 60 1.75 6.45 -4.94
C LYS A 60 2.06 7.94 -4.84
N CYS A 61 2.25 8.57 -5.99
CA CYS A 61 2.47 10.03 -6.12
C CYS A 61 1.25 10.71 -6.74
N TYR A 62 0.97 11.93 -6.31
CA TYR A 62 -0.18 12.74 -6.78
C TYR A 62 0.38 14.08 -7.25
N GLY A 63 0.04 14.46 -8.48
CA GLY A 63 0.43 15.78 -9.04
C GLY A 63 1.87 15.77 -9.50
N VAL A 64 2.53 14.60 -9.50
CA VAL A 64 3.98 14.44 -9.79
C VAL A 64 4.24 12.98 -10.14
N SER A 65 5.33 12.70 -10.85
CA SER A 65 5.68 11.34 -11.34
C SER A 65 6.90 10.80 -10.61
N PRO A 66 6.87 9.52 -10.16
CA PRO A 66 7.94 8.98 -9.31
C PRO A 66 9.29 8.79 -10.01
N THR A 67 9.28 8.55 -11.32
CA THR A 67 10.49 8.45 -12.17
C THR A 67 11.16 9.82 -12.31
N LYS A 68 10.39 10.92 -12.19
CA LYS A 68 10.87 12.29 -12.50
C LYS A 68 11.29 13.03 -11.22
N LEU A 69 11.16 12.43 -10.04
CA LEU A 69 11.27 13.16 -8.75
C LEU A 69 12.65 13.80 -8.60
N ASN A 70 13.70 13.20 -9.16
CA ASN A 70 15.10 13.70 -9.07
C ASN A 70 15.33 14.87 -10.04
N ASP A 71 14.31 15.24 -10.83
CA ASP A 71 14.40 16.36 -11.80
C ASP A 71 13.73 17.59 -11.20
N LEU A 72 13.20 17.49 -9.98
CA LEU A 72 12.22 18.47 -9.46
C LEU A 72 12.80 19.24 -8.27
N CYS A 73 12.31 20.48 -8.14
CA CYS A 73 12.73 21.46 -7.12
C CYS A 73 11.48 21.92 -6.37
N PHE A 74 11.56 21.97 -5.04
CA PHE A 74 10.43 22.33 -4.16
C PHE A 74 10.90 23.38 -3.16
N THR A 75 9.94 24.23 -2.77
CA THR A 75 10.10 25.26 -1.71
C THR A 75 10.51 24.52 -0.43
N ASN A 76 9.74 23.48 -0.06
CA ASN A 76 10.01 22.67 1.16
C ASN A 76 9.37 21.27 0.98
N VAL A 77 9.76 20.32 1.81
CA VAL A 77 9.21 18.94 1.85
C VAL A 77 8.88 18.57 3.30
N TYR A 78 7.59 18.36 3.61
CA TYR A 78 7.14 17.73 4.88
C TYR A 78 7.15 16.21 4.70
N ALA A 79 7.72 15.49 5.67
CA ALA A 79 7.68 14.00 5.75
C ALA A 79 6.90 13.58 7.00
N ASP A 80 5.65 13.15 6.81
CA ASP A 80 4.76 12.67 7.89
C ASP A 80 4.95 11.16 7.99
N SER A 81 4.97 10.61 9.20
CA SER A 81 5.19 9.15 9.37
C SER A 81 4.44 8.61 10.59
N PHE A 82 4.04 7.36 10.50
CA PHE A 82 3.15 6.69 11.46
C PHE A 82 2.97 5.23 11.07
N VAL A 83 2.32 4.48 11.96
CA VAL A 83 1.98 3.05 11.74
C VAL A 83 0.46 2.92 11.69
N ILE A 84 -0.03 2.11 10.76
CA ILE A 84 -1.45 1.66 10.69
C ILE A 84 -1.49 0.19 10.27
N ARG A 85 -2.68 -0.38 10.21
CA ARG A 85 -2.97 -1.74 9.69
C ARG A 85 -2.77 -1.74 8.17
N GLY A 86 -2.33 -2.85 7.59
CA GLY A 86 -2.31 -3.10 6.14
C GLY A 86 -3.59 -2.63 5.43
N ASP A 87 -4.77 -3.00 5.95
CA ASP A 87 -6.12 -2.70 5.38
C ASP A 87 -6.39 -1.19 5.31
N GLU A 88 -5.64 -0.38 6.06
CA GLU A 88 -5.91 1.07 6.23
C GLU A 88 -5.02 1.89 5.30
N VAL A 89 -4.02 1.28 4.69
CA VAL A 89 -3.04 2.05 3.86
C VAL A 89 -3.80 2.77 2.73
N ARG A 90 -4.81 2.15 2.15
CA ARG A 90 -5.64 2.73 1.07
C ARG A 90 -6.36 4.00 1.56
N GLN A 91 -6.54 4.21 2.86
CA GLN A 91 -7.18 5.43 3.39
C GLN A 91 -6.19 6.62 3.34
N ILE A 92 -4.90 6.35 3.12
CA ILE A 92 -3.88 7.44 3.08
C ILE A 92 -3.78 7.90 1.60
N ALA A 93 -4.80 8.62 1.17
CA ALA A 93 -4.99 9.11 -0.21
C ALA A 93 -6.04 10.20 -0.18
N PRO A 94 -5.98 11.17 -1.11
CA PRO A 94 -7.03 12.16 -1.24
C PRO A 94 -8.39 11.48 -1.40
N GLY A 95 -9.42 11.99 -0.73
CA GLY A 95 -10.84 11.65 -1.02
C GLY A 95 -11.28 10.37 -0.33
N GLN A 96 -10.48 9.82 0.59
CA GLN A 96 -10.78 8.54 1.28
C GLN A 96 -11.55 8.83 2.56
N THR A 97 -12.48 7.94 2.90
CA THR A 97 -13.23 7.89 4.18
C THR A 97 -12.82 6.62 4.95
N GLY A 98 -13.13 6.58 6.25
CA GLY A 98 -12.71 5.53 7.18
C GLY A 98 -12.12 6.14 8.44
N LYS A 99 -11.97 5.34 9.50
CA LYS A 99 -11.55 5.81 10.85
C LYS A 99 -10.25 6.60 10.73
N ILE A 100 -9.34 6.18 9.86
CA ILE A 100 -7.99 6.77 9.76
C ILE A 100 -8.07 8.13 9.05
N ALA A 101 -8.70 8.16 7.87
CA ALA A 101 -8.85 9.40 7.07
C ALA A 101 -9.71 10.41 7.84
N ASP A 102 -10.77 9.95 8.51
CA ASP A 102 -11.75 10.81 9.20
C ASP A 102 -11.21 11.31 10.54
N TYR A 103 -10.61 10.44 11.36
CA TYR A 103 -10.31 10.75 12.78
C TYR A 103 -8.81 10.83 13.06
N ASN A 104 -7.94 10.39 12.16
CA ASN A 104 -6.49 10.26 12.51
C ASN A 104 -5.58 11.10 11.60
N TYR A 105 -5.66 10.95 10.28
CA TYR A 105 -4.71 11.60 9.33
C TYR A 105 -5.43 11.77 8.01
N LYS A 106 -5.57 13.02 7.58
CA LYS A 106 -6.41 13.43 6.44
C LYS A 106 -5.54 14.19 5.44
N LEU A 107 -5.44 13.67 4.22
CA LEU A 107 -4.77 14.36 3.09
C LEU A 107 -5.80 15.26 2.44
N PRO A 108 -5.38 16.42 1.90
CA PRO A 108 -6.30 17.33 1.22
C PRO A 108 -6.59 16.77 -0.17
N ASP A 109 -7.73 17.12 -0.78
CA ASP A 109 -8.08 16.71 -2.17
C ASP A 109 -6.94 17.12 -3.12
N ASP A 110 -6.28 18.25 -2.86
CA ASP A 110 -5.30 18.88 -3.79
C ASP A 110 -3.89 18.37 -3.49
N PHE A 111 -3.77 17.35 -2.63
CA PHE A 111 -2.47 16.75 -2.27
C PHE A 111 -1.55 16.63 -3.49
N THR A 112 -0.34 17.16 -3.33
CA THR A 112 0.84 16.96 -4.21
C THR A 112 1.93 16.33 -3.33
N GLY A 113 2.33 15.09 -3.64
CA GLY A 113 3.30 14.33 -2.84
C GLY A 113 3.25 12.85 -3.15
N CYS A 114 3.90 12.03 -2.31
CA CYS A 114 3.96 10.56 -2.47
C CYS A 114 3.62 9.91 -1.14
N VAL A 115 2.76 8.90 -1.17
CA VAL A 115 2.43 8.05 -0.01
C VAL A 115 3.22 6.75 -0.19
N ILE A 116 4.12 6.45 0.76
CA ILE A 116 5.04 5.29 0.73
C ILE A 116 4.78 4.42 1.96
N ALA A 117 4.45 3.14 1.79
CA ALA A 117 4.20 2.22 2.94
C ALA A 117 4.87 0.87 2.68
N TRP A 118 5.12 0.16 3.76
CA TRP A 118 5.74 -1.18 3.74
C TRP A 118 5.36 -1.94 5.02
N ASN A 119 5.32 -3.27 4.92
CA ASN A 119 4.93 -4.18 6.02
C ASN A 119 6.01 -4.10 7.10
N SER A 120 5.64 -3.82 8.35
CA SER A 120 6.60 -3.70 9.49
C SER A 120 6.32 -4.78 10.55
N ASN A 121 5.73 -5.90 10.14
CA ASN A 121 5.36 -7.01 11.07
C ASN A 121 6.54 -7.34 11.99
N ASN A 122 7.77 -7.46 11.47
CA ASN A 122 8.91 -7.98 12.26
C ASN A 122 9.41 -6.91 13.22
N LEU A 123 9.05 -5.65 13.01
CA LEU A 123 9.44 -4.54 13.92
C LEU A 123 8.31 -4.20 14.89
N ASP A 124 7.04 -4.22 14.48
CA ASP A 124 5.96 -3.52 15.22
C ASP A 124 4.92 -4.50 15.79
N SER A 125 5.07 -5.81 15.53
CA SER A 125 4.26 -6.90 16.11
C SER A 125 5.08 -7.57 17.22
N LYS A 126 4.40 -8.03 18.28
CA LYS A 126 4.99 -8.81 19.40
C LYS A 126 4.12 -10.04 19.65
N VAL A 127 4.72 -11.20 19.95
CA VAL A 127 3.98 -12.35 20.54
C VAL A 127 3.25 -11.85 21.79
N GLY A 128 1.93 -12.08 21.89
CA GLY A 128 1.06 -11.57 22.97
C GLY A 128 0.49 -10.22 22.61
N GLY A 129 1.00 -9.60 21.53
CA GLY A 129 0.45 -8.34 21.00
C GLY A 129 1.30 -7.14 21.39
N ASN A 130 1.57 -6.27 20.43
CA ASN A 130 2.14 -4.92 20.68
C ASN A 130 0.95 -3.97 20.81
N TYR A 131 0.74 -3.36 21.97
CA TYR A 131 -0.38 -2.41 22.22
C TYR A 131 0.12 -0.95 22.22
N ASN A 132 1.38 -0.64 21.87
CA ASN A 132 2.02 0.71 21.84
CA ASN A 132 1.78 0.78 22.04
C ASN A 132 1.32 1.63 20.85
N TYR A 133 0.94 1.07 19.70
CA TYR A 133 0.38 1.86 18.57
C TYR A 133 -1.11 2.05 18.80
N LEU A 134 -1.55 3.32 18.79
CA LEU A 134 -2.96 3.72 18.97
C LEU A 134 -3.49 4.41 17.71
N TYR A 135 -4.80 4.40 17.61
CA TYR A 135 -5.60 5.18 16.65
C TYR A 135 -6.79 5.77 17.43
N ARG A 136 -7.30 6.91 16.97
CA ARG A 136 -8.53 7.53 17.55
C ARG A 136 -9.71 6.80 16.92
N LEU A 137 -10.61 6.29 17.76
CA LEU A 137 -11.74 5.43 17.37
C LEU A 137 -13.00 6.29 17.38
N PHE A 138 -13.06 7.32 18.22
CA PHE A 138 -14.25 8.20 18.37
C PHE A 138 -13.84 9.68 18.24
N ARG A 139 -14.66 10.45 17.54
CA ARG A 139 -14.48 11.92 17.43
C ARG A 139 -15.82 12.52 16.99
N LYS A 140 -16.16 13.70 17.50
CA LYS A 140 -17.42 14.44 17.20
C LYS A 140 -17.50 14.83 15.73
N SER A 141 -16.36 14.96 15.02
CA SER A 141 -16.34 15.36 13.59
C SER A 141 -15.04 14.91 12.92
N ASN A 142 -15.04 14.93 11.58
CA ASN A 142 -13.87 14.57 10.74
C ASN A 142 -12.77 15.63 10.90
N LEU A 143 -11.52 15.19 10.88
CA LEU A 143 -10.30 16.05 10.77
C LEU A 143 -10.34 16.87 9.48
N LYS A 144 -9.84 18.13 9.54
CA LYS A 144 -9.40 18.88 8.34
C LYS A 144 -8.08 18.29 7.87
N PRO A 145 -7.67 18.51 6.61
CA PRO A 145 -6.38 18.02 6.15
C PRO A 145 -5.27 18.52 7.09
N PHE A 146 -4.39 17.61 7.48
CA PHE A 146 -3.17 17.84 8.30
C PHE A 146 -3.52 18.35 9.71
N GLU A 147 -4.78 18.28 10.15
CA GLU A 147 -5.14 18.48 11.59
C GLU A 147 -4.54 17.33 12.42
N ARG A 148 -3.94 17.65 13.57
N ARG A 148 -3.90 17.65 13.55
CA ARG A 148 -3.40 16.65 14.53
CA ARG A 148 -3.39 16.64 14.53
C ARG A 148 -4.17 16.79 15.84
C ARG A 148 -4.19 16.81 15.82
N ASP A 149 -5.00 15.80 16.17
CA ASP A 149 -5.78 15.80 17.43
C ASP A 149 -5.12 14.78 18.35
N ILE A 150 -4.47 15.25 19.41
CA ILE A 150 -3.82 14.34 20.41
C ILE A 150 -4.54 14.45 21.74
N SER A 151 -5.76 14.99 21.75
CA SER A 151 -6.56 15.11 22.99
C SER A 151 -6.97 13.70 23.45
N THR A 152 -7.25 13.51 24.74
CA THR A 152 -7.72 12.21 25.30
C THR A 152 -8.91 12.47 26.21
N GLU A 153 -9.79 13.38 25.81
CA GLU A 153 -11.06 13.67 26.51
C GLU A 153 -12.01 12.48 26.31
N ILE A 154 -12.65 12.05 27.39
CA ILE A 154 -13.75 11.02 27.36
C ILE A 154 -14.80 11.46 26.33
N TYR A 155 -15.10 10.60 25.37
CA TYR A 155 -16.04 10.87 24.25
C TYR A 155 -17.45 10.53 24.72
N GLN A 156 -18.33 11.53 24.70
CA GLN A 156 -19.76 11.41 25.02
C GLN A 156 -20.51 10.85 23.81
N ALA A 157 -20.83 9.55 23.84
CA ALA A 157 -21.55 8.81 22.79
C ALA A 157 -23.06 9.06 22.92
N GLY A 158 -23.55 9.14 24.15
CA GLY A 158 -24.98 9.27 24.49
C GLY A 158 -25.34 10.71 24.83
N SER A 159 -26.44 10.89 25.56
CA SER A 159 -27.01 12.22 25.91
C SER A 159 -26.61 12.62 27.34
N THR A 160 -26.10 11.69 28.16
CA THR A 160 -25.58 12.00 29.51
C THR A 160 -24.12 12.44 29.37
N PRO A 161 -23.74 13.60 29.97
CA PRO A 161 -22.35 14.04 29.96
C PRO A 161 -21.45 13.15 30.82
N CYS A 162 -20.17 13.05 30.42
CA CYS A 162 -19.17 12.15 31.01
C CYS A 162 -18.47 12.77 32.23
N ASN A 163 -18.12 14.06 32.17
CA ASN A 163 -17.41 14.77 33.27
C ASN A 163 -16.13 14.00 33.65
N GLY A 164 -15.46 13.38 32.67
CA GLY A 164 -14.16 12.69 32.85
C GLY A 164 -14.26 11.29 33.42
N VAL A 165 -15.48 10.81 33.68
CA VAL A 165 -15.75 9.43 34.19
C VAL A 165 -16.01 8.53 32.98
N GLU A 166 -15.19 7.51 32.75
CA GLU A 166 -15.51 6.47 31.75
C GLU A 166 -16.76 5.71 32.25
N GLY A 167 -17.63 5.30 31.34
CA GLY A 167 -18.81 4.48 31.64
C GLY A 167 -19.47 4.01 30.37
N PHE A 168 -20.72 3.58 30.46
CA PHE A 168 -21.58 3.31 29.30
C PHE A 168 -21.70 4.63 28.52
N ASN A 169 -21.46 4.59 27.22
CA ASN A 169 -21.57 5.78 26.32
C ASN A 169 -20.61 6.89 26.77
N CYS A 170 -19.54 6.56 27.49
CA CYS A 170 -18.49 7.54 27.91
C CYS A 170 -17.11 6.87 27.72
N TYR A 171 -16.49 7.04 26.56
CA TYR A 171 -15.37 6.20 26.10
C TYR A 171 -14.07 7.00 26.03
N PHE A 172 -12.99 6.38 26.49
CA PHE A 172 -11.62 6.76 26.11
C PHE A 172 -11.61 6.76 24.58
N PRO A 173 -11.15 7.84 23.91
CA PRO A 173 -11.32 7.95 22.46
C PRO A 173 -10.27 7.22 21.62
N LEU A 174 -9.20 6.71 22.25
CA LEU A 174 -8.12 6.01 21.51
C LEU A 174 -8.26 4.53 21.79
N GLN A 175 -7.89 3.71 20.81
CA GLN A 175 -7.84 2.25 20.94
C GLN A 175 -6.48 1.78 20.44
N SER A 176 -5.97 0.70 21.01
CA SER A 176 -4.72 0.04 20.56
C SER A 176 -5.03 -0.90 19.40
N TYR A 177 -4.17 -0.89 18.39
CA TYR A 177 -3.99 -2.05 17.49
C TYR A 177 -3.39 -3.15 18.37
N GLY A 178 -3.75 -4.39 18.14
CA GLY A 178 -3.03 -5.43 18.89
C GLY A 178 -2.14 -6.23 17.98
N PHE A 179 -0.99 -5.69 17.59
CA PHE A 179 -0.16 -6.28 16.50
C PHE A 179 0.51 -7.55 17.02
N GLN A 180 0.13 -8.69 16.45
CA GLN A 180 0.78 -10.00 16.67
C GLN A 180 1.36 -10.48 15.35
N PRO A 181 2.54 -11.14 15.38
CA PRO A 181 3.20 -11.52 14.13
C PRO A 181 2.41 -12.56 13.31
N THR A 182 1.48 -13.29 13.94
CA THR A 182 0.61 -14.34 13.33
C THR A 182 -0.72 -13.71 12.86
N ASN A 183 -0.91 -12.40 12.95
CA ASN A 183 -2.11 -11.74 12.39
C ASN A 183 -2.18 -11.96 10.87
N GLY A 184 -3.38 -12.02 10.31
CA GLY A 184 -3.59 -11.87 8.87
C GLY A 184 -2.92 -10.58 8.40
N VAL A 185 -2.39 -10.56 7.19
CA VAL A 185 -1.49 -9.45 6.73
C VAL A 185 -2.28 -8.15 6.70
N GLY A 186 -3.59 -8.23 6.52
CA GLY A 186 -4.50 -7.06 6.56
C GLY A 186 -4.48 -6.39 7.91
N TYR A 187 -4.20 -7.17 8.96
CA TYR A 187 -4.19 -6.70 10.37
C TYR A 187 -2.75 -6.52 10.86
N GLN A 188 -1.75 -6.81 10.02
CA GLN A 188 -0.32 -6.56 10.36
C GLN A 188 0.01 -5.07 10.26
N PRO A 189 0.98 -4.56 11.06
CA PRO A 189 1.35 -3.15 11.02
C PRO A 189 2.08 -2.80 9.72
N TYR A 190 1.80 -1.60 9.19
CA TYR A 190 2.59 -1.00 8.08
C TYR A 190 3.16 0.33 8.55
N ARG A 191 4.43 0.56 8.26
CA ARG A 191 5.02 1.90 8.40
C ARG A 191 4.61 2.74 7.19
N VAL A 192 4.22 3.99 7.43
CA VAL A 192 3.82 4.91 6.33
C VAL A 192 4.66 6.18 6.39
N VAL A 193 5.16 6.62 5.24
CA VAL A 193 5.80 7.96 5.11
C VAL A 193 5.05 8.70 4.00
N VAL A 194 4.53 9.88 4.32
CA VAL A 194 3.86 10.79 3.35
C VAL A 194 4.78 12.00 3.12
N LEU A 195 5.20 12.17 1.87
CA LEU A 195 6.06 13.29 1.42
C LEU A 195 5.18 14.33 0.74
N SER A 196 5.04 15.52 1.35
CA SER A 196 4.39 16.70 0.77
C SER A 196 5.45 17.55 0.07
N PHE A 197 5.25 17.83 -1.22
CA PHE A 197 6.07 18.78 -2.01
C PHE A 197 5.34 20.13 -2.02
N GLU A 198 5.96 21.17 -1.43
CA GLU A 198 5.41 22.55 -1.39
C GLU A 198 6.09 23.38 -2.48
N LEU A 199 5.27 24.10 -3.26
CA LEU A 199 5.71 25.14 -4.23
C LEU A 199 4.93 26.43 -3.95
N LEU A 200 5.62 27.52 -3.65
CA LEU A 200 5.03 28.88 -3.54
C LEU A 200 6.09 29.91 -3.97
N HIS A 201 5.68 31.15 -4.21
CA HIS A 201 6.56 32.26 -4.64
C HIS A 201 7.61 32.48 -3.53
N ALA A 202 8.77 31.83 -3.70
CA ALA A 202 9.90 31.74 -2.74
C ALA A 202 10.99 30.90 -3.37
N PRO A 203 12.24 30.91 -2.84
CA PRO A 203 13.30 30.07 -3.40
C PRO A 203 13.02 28.60 -3.08
N ALA A 204 12.91 27.75 -4.10
CA ALA A 204 12.87 26.28 -3.94
C ALA A 204 14.16 25.82 -3.26
N THR A 205 14.05 25.30 -2.03
CA THR A 205 15.18 24.93 -1.14
C THR A 205 15.57 23.46 -1.33
N VAL A 206 14.62 22.61 -1.75
CA VAL A 206 14.82 21.13 -1.86
C VAL A 206 14.71 20.71 -3.34
N CYS A 207 15.78 20.08 -3.84
CA CYS A 207 16.01 19.80 -5.28
C CYS A 207 16.72 18.44 -5.41
N GLY A 208 16.37 17.67 -6.46
CA GLY A 208 17.08 16.43 -6.83
C GLY A 208 18.54 16.71 -7.15
N PRO A 209 19.40 15.68 -7.33
CA PRO A 209 20.81 15.89 -7.63
C PRO A 209 21.07 16.75 -8.89
N GLN B 1 -7.34 3.51 -9.61
CA GLN B 1 -7.56 4.36 -10.80
C GLN B 1 -7.37 3.54 -12.09
N VAL B 2 -7.58 2.22 -12.06
CA VAL B 2 -7.57 1.31 -13.25
C VAL B 2 -8.54 0.14 -13.06
N GLN B 3 -9.02 -0.40 -14.18
CA GLN B 3 -9.84 -1.63 -14.26
C GLN B 3 -9.04 -2.66 -15.05
N LEU B 4 -9.18 -3.94 -14.70
CA LEU B 4 -8.46 -5.06 -15.37
C LEU B 4 -9.49 -5.96 -16.05
N VAL B 5 -9.25 -6.30 -17.32
CA VAL B 5 -10.12 -7.24 -18.09
C VAL B 5 -9.26 -8.44 -18.47
N GLU B 6 -9.64 -9.62 -17.96
CA GLU B 6 -8.98 -10.90 -18.28
C GLU B 6 -9.69 -11.58 -19.46
N SER B 7 -9.00 -12.55 -20.06
CA SER B 7 -9.46 -13.38 -21.20
C SER B 7 -8.41 -14.48 -21.43
N GLY B 8 -8.82 -15.66 -21.89
CA GLY B 8 -7.89 -16.73 -22.32
C GLY B 8 -8.11 -18.05 -21.60
N GLY B 9 -9.06 -18.09 -20.65
CA GLY B 9 -9.42 -19.31 -19.89
C GLY B 9 -9.93 -20.45 -20.79
N GLY B 10 -10.35 -21.56 -20.19
CA GLY B 10 -10.90 -22.71 -20.91
C GLY B 10 -10.64 -24.03 -20.21
N SER B 11 -11.13 -25.12 -20.81
CA SER B 11 -10.86 -26.53 -20.42
C SER B 11 -9.67 -27.04 -21.21
N VAL B 12 -8.89 -27.94 -20.63
CA VAL B 12 -7.80 -28.68 -21.34
C VAL B 12 -7.55 -30.00 -20.61
N GLN B 13 -6.83 -30.90 -21.26
CA GLN B 13 -6.34 -32.16 -20.67
C GLN B 13 -4.98 -31.91 -20.03
N PRO B 14 -4.56 -32.74 -19.05
CA PRO B 14 -3.19 -32.70 -18.53
C PRO B 14 -2.16 -32.53 -19.65
N GLY B 15 -1.13 -31.72 -19.38
CA GLY B 15 -0.03 -31.43 -20.32
C GLY B 15 -0.41 -30.37 -21.33
N GLY B 16 -1.67 -29.93 -21.35
CA GLY B 16 -2.14 -28.85 -22.22
C GLY B 16 -1.60 -27.51 -21.77
N SER B 17 -1.76 -26.49 -22.61
CA SER B 17 -1.35 -25.10 -22.30
C SER B 17 -2.52 -24.13 -22.50
N LEU B 18 -2.53 -23.03 -21.73
CA LEU B 18 -3.48 -21.90 -21.81
C LEU B 18 -2.70 -20.59 -21.67
N ARG B 19 -3.22 -19.50 -22.22
CA ARG B 19 -2.60 -18.17 -22.14
C ARG B 19 -3.61 -17.17 -21.58
N LEU B 20 -3.35 -16.65 -20.38
CA LEU B 20 -4.22 -15.62 -19.75
C LEU B 20 -3.72 -14.24 -20.14
N SER B 21 -4.64 -13.28 -20.22
CA SER B 21 -4.44 -11.88 -20.66
C SER B 21 -5.11 -10.95 -19.64
N CYS B 22 -4.37 -9.98 -19.14
CA CYS B 22 -4.85 -8.92 -18.22
C CYS B 22 -4.68 -7.58 -18.94
N LEU B 23 -5.78 -7.01 -19.45
CA LEU B 23 -5.79 -5.71 -20.16
C LEU B 23 -6.23 -4.61 -19.19
N GLY B 24 -5.43 -3.56 -19.09
CA GLY B 24 -5.72 -2.39 -18.24
C GLY B 24 -6.52 -1.35 -18.98
N SER B 25 -7.55 -0.79 -18.35
CA SER B 25 -8.25 0.43 -18.81
C SER B 25 -7.23 1.57 -18.91
N GLY B 26 -6.62 1.95 -17.79
CA GLY B 26 -5.53 2.96 -17.74
C GLY B 26 -4.17 2.31 -17.87
N SER B 27 -3.11 3.12 -17.98
CA SER B 27 -1.69 2.67 -17.97
C SER B 27 -1.43 1.73 -16.79
N LEU B 28 -0.79 0.60 -17.06
CA LEU B 28 -0.29 -0.35 -16.04
C LEU B 28 1.19 -0.10 -15.75
N ASP B 29 1.84 0.88 -16.39
CA ASP B 29 3.30 1.14 -16.32
C ASP B 29 3.81 1.18 -14.86
N TYR B 30 3.11 1.87 -13.96
CA TYR B 30 3.55 2.09 -12.55
C TYR B 30 3.20 0.87 -11.69
N TYR B 31 2.41 -0.08 -12.22
CA TYR B 31 1.81 -1.17 -11.42
C TYR B 31 2.63 -2.46 -11.60
N ALA B 32 2.82 -3.19 -10.50
CA ALA B 32 3.12 -4.64 -10.48
C ALA B 32 1.80 -5.39 -10.68
N ILE B 33 1.80 -6.47 -11.45
CA ILE B 33 0.57 -7.25 -11.75
C ILE B 33 0.79 -8.66 -11.20
N GLY B 34 -0.17 -9.12 -10.41
CA GLY B 34 -0.11 -10.45 -9.79
C GLY B 34 -1.18 -11.32 -10.36
N TRP B 35 -0.94 -12.63 -10.44
CA TRP B 35 -1.98 -13.63 -10.79
C TRP B 35 -2.24 -14.47 -9.55
N PHE B 36 -3.48 -14.48 -9.08
CA PHE B 36 -3.94 -15.34 -7.98
C PHE B 36 -4.92 -16.34 -8.56
N ARG B 37 -5.14 -17.43 -7.83
CA ARG B 37 -6.09 -18.47 -8.24
C ARG B 37 -6.82 -18.92 -6.97
N GLN B 38 -8.08 -19.31 -7.17
CA GLN B 38 -9.06 -19.64 -6.12
C GLN B 38 -9.80 -20.88 -6.62
N ALA B 39 -9.66 -22.01 -5.90
CA ALA B 39 -10.44 -23.24 -6.13
C ALA B 39 -11.51 -23.32 -5.05
N PRO B 40 -12.72 -23.85 -5.35
CA PRO B 40 -13.79 -23.95 -4.34
C PRO B 40 -13.26 -24.73 -3.12
N GLY B 41 -13.45 -24.20 -1.92
CA GLY B 41 -13.01 -24.83 -0.66
C GLY B 41 -11.60 -24.39 -0.24
N LYS B 42 -10.62 -24.44 -1.15
CA LYS B 42 -9.21 -24.04 -0.92
C LYS B 42 -9.09 -22.52 -0.71
N GLU B 43 -8.00 -22.08 -0.07
CA GLU B 43 -7.63 -20.66 0.10
C GLU B 43 -7.09 -20.07 -1.20
N ARG B 44 -7.35 -18.79 -1.45
CA ARG B 44 -6.69 -17.98 -2.52
C ARG B 44 -5.17 -18.16 -2.44
N GLU B 45 -4.50 -18.27 -3.59
CA GLU B 45 -3.04 -18.55 -3.71
C GLU B 45 -2.42 -17.65 -4.79
N GLY B 46 -1.39 -16.90 -4.43
CA GLY B 46 -0.51 -16.18 -5.37
C GLY B 46 0.25 -17.15 -6.27
N VAL B 47 0.11 -16.99 -7.59
CA VAL B 47 0.69 -17.84 -8.65
C VAL B 47 1.96 -17.16 -9.18
N SER B 48 1.86 -15.88 -9.52
CA SER B 48 2.97 -15.17 -10.18
C SER B 48 2.82 -13.65 -10.07
N CYS B 49 3.92 -12.93 -10.11
CA CYS B 49 3.92 -11.45 -10.04
C CYS B 49 5.08 -10.90 -10.85
N ILE B 50 4.85 -9.77 -11.51
CA ILE B 50 5.91 -9.05 -12.27
C ILE B 50 5.89 -7.61 -11.78
N ALA B 51 7.05 -7.06 -11.52
CA ALA B 51 7.20 -5.68 -11.00
C ALA B 51 6.88 -4.68 -12.11
N SER B 52 6.68 -3.42 -11.71
CA SER B 52 6.48 -2.25 -12.60
C SER B 52 7.64 -2.20 -13.61
N SER B 53 8.83 -2.61 -13.17
CA SER B 53 10.10 -2.53 -13.95
C SER B 53 10.11 -3.60 -15.04
N GLY B 54 9.24 -4.61 -14.93
CA GLY B 54 9.07 -5.70 -15.91
C GLY B 54 10.20 -6.72 -15.92
N ASP B 55 11.21 -6.62 -15.04
CA ASP B 55 12.42 -7.50 -15.05
C ASP B 55 12.65 -8.14 -13.67
N ARG B 56 11.70 -8.02 -12.73
CA ARG B 56 11.63 -8.84 -11.50
C ARG B 56 10.32 -9.62 -11.56
N THR B 57 10.37 -10.94 -11.39
CA THR B 57 9.20 -11.86 -11.38
C THR B 57 9.35 -12.84 -10.22
N ILE B 58 8.24 -13.24 -9.62
CA ILE B 58 8.21 -14.35 -8.63
C ILE B 58 7.14 -15.34 -9.01
N TYR B 59 7.27 -16.55 -8.50
CA TYR B 59 6.43 -17.72 -8.83
C TYR B 59 6.24 -18.53 -7.56
N ALA B 60 5.04 -19.06 -7.36
CA ALA B 60 4.78 -20.16 -6.41
C ALA B 60 5.69 -21.34 -6.80
N ASP B 61 6.27 -22.04 -5.84
CA ASP B 61 7.15 -23.20 -6.09
C ASP B 61 6.52 -24.15 -7.13
N SER B 62 5.22 -24.45 -7.02
CA SER B 62 4.58 -25.56 -7.78
C SER B 62 4.43 -25.19 -9.26
N VAL B 63 4.63 -23.92 -9.64
CA VAL B 63 4.37 -23.50 -11.05
C VAL B 63 5.68 -23.11 -11.77
N LYS B 64 6.80 -23.03 -11.05
CA LYS B 64 8.11 -22.77 -11.69
C LYS B 64 8.30 -23.74 -12.85
N GLY B 65 8.68 -23.22 -14.02
CA GLY B 65 9.00 -24.03 -15.22
C GLY B 65 7.74 -24.49 -15.94
N ARG B 66 6.56 -24.19 -15.41
CA ARG B 66 5.25 -24.47 -16.05
C ARG B 66 4.62 -23.15 -16.50
N PHE B 67 4.56 -22.17 -15.60
CA PHE B 67 3.92 -20.85 -15.83
C PHE B 67 5.02 -19.80 -15.99
N THR B 68 4.87 -18.96 -17.02
CA THR B 68 5.70 -17.77 -17.29
C THR B 68 4.80 -16.54 -17.32
N ILE B 69 5.15 -15.52 -16.54
CA ILE B 69 4.51 -14.18 -16.57
C ILE B 69 5.34 -13.27 -17.47
N SER B 70 4.66 -12.41 -18.21
CA SER B 70 5.28 -11.43 -19.14
C SER B 70 4.33 -10.23 -19.22
N ARG B 71 4.82 -9.10 -19.73
CA ARG B 71 3.96 -7.91 -19.93
C ARG B 71 4.40 -7.17 -21.19
N ASP B 72 3.42 -6.59 -21.88
CA ASP B 72 3.66 -5.73 -23.06
C ASP B 72 3.20 -4.33 -22.64
N TYR B 73 4.16 -3.42 -22.46
CA TYR B 73 3.87 -2.03 -22.03
C TYR B 73 3.11 -1.30 -23.15
N GLY B 74 3.52 -1.51 -24.41
CA GLY B 74 2.86 -0.97 -25.61
C GLY B 74 1.38 -1.31 -25.64
N LYS B 75 1.04 -2.58 -25.43
CA LYS B 75 -0.35 -3.09 -25.48
C LYS B 75 -0.99 -2.98 -24.08
N ASN B 76 -0.23 -2.55 -23.09
CA ASN B 76 -0.73 -2.30 -21.70
C ASN B 76 -1.39 -3.58 -21.15
N THR B 77 -0.81 -4.76 -21.42
CA THR B 77 -1.36 -6.05 -20.92
C THR B 77 -0.27 -6.87 -20.23
N VAL B 78 -0.71 -7.72 -19.32
CA VAL B 78 0.15 -8.75 -18.65
C VAL B 78 -0.41 -10.12 -19.04
N TYR B 79 0.48 -11.11 -19.21
CA TYR B 79 0.15 -12.48 -19.70
C TYR B 79 0.63 -13.51 -18.68
N LEU B 80 -0.14 -14.58 -18.48
CA LEU B 80 0.34 -15.81 -17.78
C LEU B 80 0.32 -16.94 -18.80
N GLN B 81 1.51 -17.36 -19.27
CA GLN B 81 1.65 -18.52 -20.21
C GLN B 81 1.65 -19.79 -19.36
N MET B 82 0.59 -20.59 -19.46
CA MET B 82 0.33 -21.75 -18.57
C MET B 82 0.52 -23.07 -19.34
N ASN B 83 1.73 -23.62 -19.29
CA ASN B 83 2.08 -24.92 -19.93
C ASN B 83 2.10 -26.02 -18.87
N SER B 84 2.10 -27.27 -19.29
CA SER B 84 2.31 -28.44 -18.39
C SER B 84 1.21 -28.44 -17.32
N LEU B 85 -0.03 -28.18 -17.72
CA LEU B 85 -1.16 -27.99 -16.78
C LEU B 85 -1.53 -29.33 -16.14
N LYS B 86 -2.02 -29.29 -14.90
CA LYS B 86 -2.34 -30.47 -14.06
C LYS B 86 -3.66 -30.24 -13.35
N PRO B 87 -4.36 -31.29 -12.89
CA PRO B 87 -5.62 -31.11 -12.17
C PRO B 87 -5.54 -30.11 -11.02
N GLU B 88 -4.39 -30.00 -10.32
CA GLU B 88 -4.19 -29.12 -9.12
C GLU B 88 -4.30 -27.64 -9.54
N ASP B 89 -4.20 -27.36 -10.84
CA ASP B 89 -4.27 -25.99 -11.43
C ASP B 89 -5.74 -25.56 -11.61
N THR B 90 -6.69 -26.49 -11.58
CA THR B 90 -8.14 -26.19 -11.75
C THR B 90 -8.50 -25.09 -10.74
N ALA B 91 -8.97 -23.92 -11.22
CA ALA B 91 -9.38 -22.78 -10.35
C ALA B 91 -9.87 -21.60 -11.19
N MET B 92 -10.51 -20.62 -10.55
CA MET B 92 -10.70 -19.24 -11.07
C MET B 92 -9.34 -18.52 -10.94
N TYR B 93 -8.85 -17.94 -12.03
CA TYR B 93 -7.60 -17.13 -12.05
C TYR B 93 -7.96 -15.65 -12.18
N TYR B 94 -7.38 -14.83 -11.30
CA TYR B 94 -7.58 -13.35 -11.23
C TYR B 94 -6.24 -12.65 -11.39
N CYS B 95 -6.13 -11.65 -12.25
CA CYS B 95 -4.98 -10.72 -12.23
C CYS B 95 -5.31 -9.58 -11.28
N ALA B 96 -4.29 -8.97 -10.66
CA ALA B 96 -4.46 -7.84 -9.73
C ALA B 96 -3.26 -6.88 -9.85
N ALA B 97 -3.50 -5.61 -9.61
CA ALA B 97 -2.50 -4.53 -9.79
C ALA B 97 -2.18 -3.89 -8.44
N LEU B 98 -0.91 -3.64 -8.14
CA LEU B 98 -0.56 -2.75 -7.00
C LEU B 98 0.49 -1.76 -7.46
N GLN B 99 0.60 -0.67 -6.69
CA GLN B 99 1.45 0.50 -7.01
C GLN B 99 2.43 0.66 -5.85
N GLY B 100 3.58 -0.01 -5.99
CA GLY B 100 4.69 -0.03 -5.03
C GLY B 100 5.93 0.58 -5.64
N SER B 101 7.10 0.34 -5.05
CA SER B 101 8.39 0.78 -5.63
C SER B 101 8.63 0.00 -6.92
N TYR B 102 9.59 0.48 -7.71
CA TYR B 102 9.83 0.05 -9.10
C TYR B 102 10.04 -1.47 -9.16
N TYR B 103 10.72 -2.06 -8.18
CA TYR B 103 11.13 -3.50 -8.23
C TYR B 103 10.25 -4.37 -7.33
N TYR B 104 9.23 -3.80 -6.71
CA TYR B 104 8.43 -4.54 -5.70
C TYR B 104 7.61 -5.64 -6.38
N THR B 105 7.65 -6.85 -5.83
CA THR B 105 6.75 -7.99 -6.15
C THR B 105 6.20 -8.54 -4.84
N GLY B 106 5.02 -9.17 -4.87
CA GLY B 106 4.51 -9.90 -3.69
C GLY B 106 3.22 -10.62 -3.98
N PHE B 107 2.82 -11.49 -3.05
CA PHE B 107 1.59 -12.33 -3.10
C PHE B 107 0.65 -11.96 -1.96
N VAL B 108 0.72 -10.72 -1.48
CA VAL B 108 -0.14 -10.24 -0.37
C VAL B 108 -1.38 -9.58 -1.00
N ALA B 109 -2.49 -10.32 -1.08
CA ALA B 109 -3.73 -9.90 -1.78
C ALA B 109 -4.17 -8.55 -1.25
N ASN B 110 -4.00 -8.32 0.04
CA ASN B 110 -4.44 -7.08 0.70
C ASN B 110 -3.67 -5.86 0.17
N GLU B 111 -2.46 -6.05 -0.37
CA GLU B 111 -1.63 -4.94 -0.90
C GLU B 111 -2.10 -4.58 -2.32
N TYR B 112 -2.94 -5.43 -2.95
CA TYR B 112 -3.45 -5.19 -4.32
C TYR B 112 -4.77 -4.39 -4.25
N ASP B 113 -4.86 -3.34 -5.06
CA ASP B 113 -5.99 -2.36 -5.08
C ASP B 113 -7.04 -2.82 -6.10
N TYR B 114 -6.65 -3.30 -7.28
CA TYR B 114 -7.58 -3.59 -8.41
C TYR B 114 -7.51 -5.07 -8.78
N TRP B 115 -8.68 -5.65 -9.03
CA TRP B 115 -8.88 -7.10 -9.33
C TRP B 115 -9.66 -7.25 -10.64
N GLY B 116 -9.20 -8.14 -11.52
CA GLY B 116 -9.97 -8.58 -12.70
C GLY B 116 -11.20 -9.37 -12.28
N GLN B 117 -12.06 -9.71 -13.24
CA GLN B 117 -13.37 -10.37 -13.00
C GLN B 117 -13.16 -11.87 -12.75
N GLY B 118 -12.05 -12.43 -13.26
CA GLY B 118 -11.69 -13.83 -13.05
C GLY B 118 -11.97 -14.67 -14.28
N ALA B 119 -11.01 -15.48 -14.69
CA ALA B 119 -11.08 -16.39 -15.87
C ALA B 119 -11.13 -17.82 -15.36
N PRO B 120 -11.98 -18.68 -15.94
CA PRO B 120 -12.09 -20.08 -15.52
C PRO B 120 -10.94 -20.88 -16.16
N VAL B 121 -10.35 -21.80 -15.39
CA VAL B 121 -9.36 -22.79 -15.89
C VAL B 121 -9.74 -24.17 -15.37
N THR B 122 -10.06 -25.11 -16.27
CA THR B 122 -10.34 -26.53 -15.89
C THR B 122 -9.36 -27.45 -16.61
N VAL B 123 -8.65 -28.30 -15.86
CA VAL B 123 -7.74 -29.36 -16.40
C VAL B 123 -8.37 -30.71 -16.09
N SER B 124 -8.73 -31.46 -17.14
CA SER B 124 -9.74 -32.56 -17.16
C SER B 124 -9.06 -33.92 -17.04
N SER B 125 -9.13 -34.54 -15.86
CA SER B 125 -8.55 -35.88 -15.56
C SER B 125 -9.43 -36.99 -16.16
#